data_6DS0
#
_entry.id   6DS0
#
_cell.length_a   59.482
_cell.length_b   120.081
_cell.length_c   169.468
_cell.angle_alpha   90.00
_cell.angle_beta   90.00
_cell.angle_gamma   90.00
#
_symmetry.space_group_name_H-M   'C 2 2 21'
#
loop_
_entity.id
_entity.type
_entity.pdbx_description
1 polymer '5HT2B receptor, BRIL chimera'
2 non-polymer CHOLESTEROL
3 non-polymer '(2R)-2,3-dihydroxypropyl (9Z)-octadec-9-enoate'
4 non-polymer DI(HYDROXYETHYL)ETHER
5 non-polymer (1S)-1-[(2-chloro-3,4-dimethoxyphenyl)methyl]-6-methyl-2,3,4,9-tetrahydro-1H-beta-carboline
6 water water
#
_entity_poly.entity_id   1
_entity_poly.type   'polypeptide(L)'
_entity_poly.pdbx_seq_one_letter_code
;TESIPEEMKQIVEEQGNKLHWAALLILMVIIPTIGGNTLVILAVSLEKKLQYATNYFLMSLAVADLLVGLFVMPIALLTI
MFEAMWPLPLVLCPAWLFLDVLFSTASIWHLCAISVDRYIAIKKPIQANQYNSRATAFIKITVVWLISIGIAIPVPIKGI
ETDVDNPNNITCVLTKERFGDFMLFGSLAAFFTPLAIMIVTYFLTIHALQKKAADLEDNWETLNDNLKVIEKADNAAQVK
DALTKMRAAALDAQKATPPKLEDKSPDSPEMKDFRHGFDILVGQIDDALKLANEGKVKEAQAAAEQLKTTRNAYIQKYLQ
TISNEQRASKVLGIVFFLFLLMWCPFFITNITLVLCDSCNQTTLQMLLEIFVWIGYVSSGVNPLVYTLFNKTFRDAFGRY
ITCNYRATKS
;
_entity_poly.pdbx_strand_id   A
#
loop_
_chem_comp.id
_chem_comp.type
_chem_comp.name
_chem_comp.formula
CLR non-polymer CHOLESTEROL 'C27 H46 O'
H8M non-polymer (1S)-1-[(2-chloro-3,4-dimethoxyphenyl)methyl]-6-methyl-2,3,4,9-tetrahydro-1H-beta-carboline 'C21 H23 Cl N2 O2'
OLC non-polymer '(2R)-2,3-dihydroxypropyl (9Z)-octadec-9-enoate' 'C21 H40 O4'
PEG non-polymer DI(HYDROXYETHYL)ETHER 'C4 H10 O3'
#
# COMPACT_ATOMS: atom_id res chain seq x y z
N GLU A 13 44.20 16.83 -14.42
CA GLU A 13 43.61 15.58 -13.97
C GLU A 13 42.66 15.00 -15.01
N GLU A 14 42.04 13.86 -14.66
CA GLU A 14 41.14 13.18 -15.57
C GLU A 14 40.30 12.19 -14.76
N GLN A 15 39.03 12.02 -15.16
CA GLN A 15 38.11 11.17 -14.43
C GLN A 15 38.13 9.72 -14.93
N GLY A 16 38.02 9.52 -16.25
CA GLY A 16 38.10 8.20 -16.83
C GLY A 16 36.81 7.81 -17.56
N ASN A 17 36.50 6.51 -17.52
CA ASN A 17 35.36 5.94 -18.22
C ASN A 17 34.49 5.17 -17.24
N LYS A 18 33.17 5.32 -17.41
CA LYS A 18 32.18 4.74 -16.49
C LYS A 18 31.12 3.97 -17.26
N LEU A 19 31.55 3.13 -18.20
CA LEU A 19 30.61 2.32 -18.96
C LEU A 19 30.13 1.13 -18.14
N HIS A 20 31.01 0.54 -17.33
CA HIS A 20 30.65 -0.64 -16.55
C HIS A 20 29.53 -0.36 -15.56
N TRP A 21 29.33 0.90 -15.16
CA TRP A 21 28.20 1.22 -14.30
C TRP A 21 26.89 1.14 -15.06
N ALA A 22 26.87 1.67 -16.29
CA ALA A 22 25.65 1.62 -17.10
C ALA A 22 25.27 0.18 -17.41
N ALA A 23 26.26 -0.67 -17.67
CA ALA A 23 25.98 -2.10 -17.88
C ALA A 23 25.41 -2.72 -16.61
N LEU A 24 25.95 -2.34 -15.45
CA LEU A 24 25.49 -2.93 -14.20
C LEU A 24 24.05 -2.54 -13.89
N LEU A 25 23.68 -1.30 -14.22
CA LEU A 25 22.32 -0.85 -13.93
C LEU A 25 21.30 -1.52 -14.84
N ILE A 26 21.63 -1.69 -16.13
CA ILE A 26 20.71 -2.36 -17.05
C ILE A 26 20.42 -3.77 -16.56
N LEU A 27 21.47 -4.50 -16.15
CA LEU A 27 21.29 -5.89 -15.75
C LEU A 27 20.50 -6.02 -14.45
N MET A 28 20.64 -5.09 -13.53
CA MET A 28 20.08 -5.24 -12.20
C MET A 28 19.05 -4.17 -11.82
N VAL A 29 18.81 -3.16 -12.65
CA VAL A 29 17.83 -2.14 -12.30
C VAL A 29 16.78 -2.05 -13.40
N ILE A 30 17.21 -1.69 -14.61
CA ILE A 30 16.26 -1.43 -15.69
C ILE A 30 15.54 -2.70 -16.10
N ILE A 31 16.28 -3.79 -16.29
CA ILE A 31 15.65 -5.07 -16.65
C ILE A 31 14.70 -5.57 -15.55
N PRO A 32 15.10 -5.61 -14.28
CA PRO A 32 14.11 -5.98 -13.24
C PRO A 32 12.94 -5.03 -13.17
N THR A 33 13.16 -3.73 -13.37
CA THR A 33 12.06 -2.77 -13.32
C THR A 33 11.05 -3.01 -14.44
N ILE A 34 11.54 -3.13 -15.68
CA ILE A 34 10.64 -3.33 -16.81
C ILE A 34 10.00 -4.70 -16.74
N GLY A 35 10.75 -5.72 -16.31
CA GLY A 35 10.22 -7.07 -16.29
C GLY A 35 9.22 -7.30 -15.15
N GLY A 36 9.51 -6.74 -13.98
CA GLY A 36 8.64 -6.97 -12.84
C GLY A 36 7.27 -6.31 -13.00
N ASN A 37 7.27 -5.05 -13.45
CA ASN A 37 6.00 -4.33 -13.60
C ASN A 37 5.16 -4.91 -14.74
N THR A 38 5.80 -5.38 -15.81
CA THR A 38 5.06 -6.01 -16.89
C THR A 38 4.40 -7.31 -16.43
N LEU A 39 5.07 -8.06 -15.55
CA LEU A 39 4.46 -9.24 -14.96
C LEU A 39 3.26 -8.88 -14.11
N VAL A 40 3.35 -7.78 -13.36
CA VAL A 40 2.25 -7.38 -12.48
C VAL A 40 1.03 -6.96 -13.30
N ILE A 41 1.25 -6.22 -14.39
CA ILE A 41 0.14 -5.78 -15.22
C ILE A 41 -0.54 -6.97 -15.90
N LEU A 42 0.26 -7.94 -16.36
CA LEU A 42 -0.32 -9.13 -16.98
C LEU A 42 -1.21 -9.89 -16.00
N ALA A 43 -0.77 -9.99 -14.74
CA ALA A 43 -1.54 -10.75 -13.75
C ALA A 43 -2.92 -10.15 -13.55
N VAL A 44 -3.03 -8.82 -13.53
CA VAL A 44 -4.33 -8.18 -13.38
C VAL A 44 -5.11 -8.23 -14.69
N SER A 45 -4.43 -8.03 -15.81
CA SER A 45 -5.13 -7.98 -17.10
C SER A 45 -5.64 -9.34 -17.52
N LEU A 46 -4.83 -10.39 -17.33
CA LEU A 46 -5.19 -11.73 -17.78
C LEU A 46 -6.01 -12.49 -16.74
N GLU A 47 -5.48 -12.64 -15.54
CA GLU A 47 -6.13 -13.45 -14.50
C GLU A 47 -7.31 -12.69 -13.92
N LYS A 48 -8.51 -13.29 -14.01
CA LYS A 48 -9.71 -12.64 -13.52
C LYS A 48 -9.88 -12.74 -12.01
N LYS A 49 -9.27 -13.72 -11.36
CA LYS A 49 -9.31 -13.79 -9.91
C LYS A 49 -8.64 -12.59 -9.26
N LEU A 50 -7.92 -11.77 -10.04
CA LEU A 50 -7.22 -10.62 -9.51
C LEU A 50 -7.86 -9.30 -9.92
N GLN A 51 -8.91 -9.33 -10.73
CA GLN A 51 -9.53 -8.10 -11.23
C GLN A 51 -10.51 -7.53 -10.19
N TYR A 52 -9.95 -7.16 -9.05
CA TYR A 52 -10.69 -6.49 -7.99
C TYR A 52 -10.42 -4.99 -8.01
N ALA A 53 -11.05 -4.28 -7.08
CA ALA A 53 -10.89 -2.82 -7.03
C ALA A 53 -9.53 -2.42 -6.45
N THR A 54 -9.11 -3.08 -5.37
CA THR A 54 -7.84 -2.72 -4.74
C THR A 54 -6.65 -3.02 -5.61
N ASN A 55 -6.77 -3.96 -6.55
CA ASN A 55 -5.66 -4.28 -7.45
C ASN A 55 -5.51 -3.26 -8.57
N TYR A 56 -6.49 -2.37 -8.76
CA TYR A 56 -6.31 -1.28 -9.71
C TYR A 56 -5.33 -0.24 -9.18
N PHE A 57 -5.18 -0.15 -7.85
CA PHE A 57 -4.04 0.56 -7.28
C PHE A 57 -2.73 -0.07 -7.73
N LEU A 58 -2.62 -1.40 -7.59
CA LEU A 58 -1.41 -2.10 -7.98
C LEU A 58 -1.15 -2.00 -9.47
N MET A 59 -2.20 -1.91 -10.28
CA MET A 59 -2.00 -1.77 -11.73
C MET A 59 -1.62 -0.35 -12.09
N SER A 60 -2.30 0.65 -11.51
CA SER A 60 -1.91 2.04 -11.72
C SER A 60 -0.46 2.28 -11.30
N LEU A 61 -0.08 1.72 -10.15
CA LEU A 61 1.30 1.88 -9.67
C LEU A 61 2.29 1.15 -10.57
N ALA A 62 1.91 -0.04 -11.06
CA ALA A 62 2.81 -0.79 -11.92
C ALA A 62 3.03 -0.07 -13.25
N VAL A 63 2.04 0.67 -13.73
CA VAL A 63 2.19 1.40 -14.98
C VAL A 63 3.15 2.58 -14.80
N ALA A 64 3.06 3.26 -13.65
CA ALA A 64 3.96 4.37 -13.39
C ALA A 64 5.41 3.90 -13.35
N ASP A 65 5.68 2.85 -12.58
CA ASP A 65 7.04 2.34 -12.46
C ASP A 65 7.53 1.73 -13.76
N LEU A 66 6.62 1.19 -14.57
CA LEU A 66 7.01 0.70 -15.90
C LEU A 66 7.47 1.84 -16.79
N LEU A 67 6.75 2.97 -16.74
CA LEU A 67 7.14 4.14 -17.53
C LEU A 67 8.48 4.73 -17.07
N VAL A 68 8.87 4.50 -15.82
CA VAL A 68 10.20 4.91 -15.37
C VAL A 68 11.27 4.13 -16.12
N GLY A 69 11.16 2.80 -16.13
CA GLY A 69 12.16 1.98 -16.78
C GLY A 69 12.20 2.13 -18.29
N LEU A 70 11.14 2.64 -18.89
CA LEU A 70 11.08 2.77 -20.35
C LEU A 70 11.58 4.13 -20.83
N PHE A 71 11.24 5.19 -20.11
CA PHE A 71 11.58 6.56 -20.52
C PHE A 71 12.58 7.22 -19.60
N VAL A 72 12.36 7.14 -18.28
CA VAL A 72 13.21 7.87 -17.34
C VAL A 72 14.57 7.21 -17.20
N MET A 73 14.58 5.91 -16.90
CA MET A 73 15.84 5.21 -16.63
C MET A 73 16.80 5.20 -17.82
N PRO A 74 16.38 4.88 -19.06
CA PRO A 74 17.35 4.88 -20.16
C PRO A 74 18.01 6.23 -20.40
N ILE A 75 17.24 7.33 -20.33
CA ILE A 75 17.82 8.65 -20.49
C ILE A 75 18.79 8.94 -19.34
N ALA A 76 18.46 8.48 -18.14
CA ALA A 76 19.33 8.69 -16.99
C ALA A 76 20.67 7.99 -17.16
N LEU A 77 20.74 6.96 -18.00
CA LEU A 77 22.02 6.33 -18.31
C LEU A 77 22.92 7.27 -19.09
N LEU A 78 22.34 8.14 -19.93
CA LEU A 78 23.13 9.01 -20.78
C LEU A 78 23.96 10.00 -19.96
N THR A 79 23.49 10.35 -18.76
CA THR A 79 24.30 11.16 -17.86
C THR A 79 25.52 10.39 -17.35
N ILE A 80 25.47 9.06 -17.39
CA ILE A 80 26.56 8.23 -16.89
C ILE A 80 27.50 7.79 -18.01
N MET A 81 26.94 7.40 -19.16
CA MET A 81 27.78 7.03 -20.30
C MET A 81 28.41 8.24 -20.94
N PHE A 82 27.62 9.27 -21.19
CA PHE A 82 28.06 10.44 -21.95
C PHE A 82 28.52 11.53 -20.99
N GLU A 83 28.63 12.76 -21.48
CA GLU A 83 29.16 13.86 -20.69
C GLU A 83 28.02 14.71 -20.12
N ALA A 84 28.37 15.89 -19.62
CA ALA A 84 27.40 16.83 -19.08
C ALA A 84 26.74 17.69 -20.14
N MET A 85 27.03 17.44 -21.42
CA MET A 85 26.36 18.13 -22.51
C MET A 85 25.16 17.31 -22.95
N TRP A 86 23.96 17.91 -22.86
CA TRP A 86 22.72 17.23 -23.20
C TRP A 86 22.73 16.81 -24.67
N PRO A 87 22.78 15.51 -24.96
CA PRO A 87 22.93 15.07 -26.35
C PRO A 87 21.63 15.03 -27.13
N LEU A 88 20.48 15.14 -26.47
CA LEU A 88 19.17 15.02 -27.09
C LEU A 88 18.64 16.40 -27.44
N PRO A 89 17.52 16.47 -28.19
CA PRO A 89 16.88 17.78 -28.45
C PRO A 89 16.59 18.55 -27.18
N LEU A 90 16.43 19.87 -27.30
CA LEU A 90 16.33 20.73 -26.12
C LEU A 90 15.06 20.47 -25.35
N VAL A 91 13.91 20.45 -26.04
CA VAL A 91 12.62 20.27 -25.38
C VAL A 91 12.55 18.94 -24.65
N LEU A 92 13.35 17.94 -25.06
CA LEU A 92 13.34 16.66 -24.39
C LEU A 92 13.83 16.76 -22.95
N CYS A 93 14.72 17.71 -22.66
CA CYS A 93 15.28 17.82 -21.31
C CYS A 93 14.23 18.16 -20.27
N PRO A 94 13.47 19.26 -20.39
CA PRO A 94 12.43 19.52 -19.38
C PRO A 94 11.30 18.52 -19.44
N ALA A 95 11.08 17.86 -20.59
CA ALA A 95 10.09 16.79 -20.66
C ALA A 95 10.56 15.57 -19.89
N TRP A 96 11.80 15.14 -20.12
CA TRP A 96 12.35 14.02 -19.35
C TRP A 96 12.37 14.34 -17.86
N LEU A 97 12.83 15.54 -17.51
CA LEU A 97 12.84 15.94 -16.11
C LEU A 97 11.44 16.03 -15.53
N PHE A 98 10.47 16.43 -16.34
CA PHE A 98 9.08 16.44 -15.87
C PHE A 98 8.57 15.03 -15.63
N LEU A 99 8.79 14.13 -16.60
CA LEU A 99 8.39 12.75 -16.42
C LEU A 99 9.11 12.08 -15.25
N ASP A 100 10.37 12.46 -15.03
CA ASP A 100 11.12 11.87 -13.93
C ASP A 100 10.48 12.20 -12.58
N VAL A 101 10.26 13.49 -12.32
CA VAL A 101 9.67 13.88 -11.04
C VAL A 101 8.22 13.40 -10.95
N LEU A 102 7.52 13.35 -12.08
CA LEU A 102 6.11 12.94 -12.07
C LEU A 102 5.97 11.50 -11.61
N PHE A 103 6.63 10.57 -12.32
CA PHE A 103 6.45 9.15 -12.03
C PHE A 103 7.09 8.76 -10.70
N SER A 104 8.19 9.41 -10.33
CA SER A 104 8.81 9.11 -9.03
C SER A 104 7.92 9.58 -7.88
N THR A 105 7.15 10.64 -8.08
CA THR A 105 6.22 11.09 -7.05
C THR A 105 4.95 10.25 -7.02
N ALA A 106 4.50 9.75 -8.17
CA ALA A 106 3.32 8.90 -8.21
C ALA A 106 3.54 7.61 -7.42
N SER A 107 4.74 7.04 -7.52
CA SER A 107 5.01 5.78 -6.84
C SER A 107 4.91 5.93 -5.33
N ILE A 108 5.39 7.05 -4.79
CA ILE A 108 5.35 7.26 -3.35
C ILE A 108 3.91 7.51 -2.89
N TRP A 109 3.12 8.21 -3.70
CA TRP A 109 1.75 8.54 -3.31
C TRP A 109 0.81 7.37 -3.48
N HIS A 110 1.06 6.49 -4.44
CA HIS A 110 0.29 5.25 -4.54
C HIS A 110 0.40 4.46 -3.24
N LEU A 111 1.62 4.31 -2.72
CA LEU A 111 1.82 3.53 -1.50
C LEU A 111 1.14 4.20 -0.31
N CYS A 112 1.13 5.53 -0.28
CA CYS A 112 0.38 6.24 0.75
C CYS A 112 -1.11 5.97 0.60
N ALA A 113 -1.62 6.04 -0.64
CA ALA A 113 -3.01 5.72 -0.90
C ALA A 113 -3.34 4.29 -0.49
N ILE A 114 -2.43 3.36 -0.76
CA ILE A 114 -2.64 1.97 -0.37
C ILE A 114 -2.62 1.84 1.15
N SER A 115 -1.68 2.52 1.82
CA SER A 115 -1.62 2.47 3.27
C SER A 115 -2.91 2.99 3.90
N VAL A 116 -3.43 4.10 3.38
CA VAL A 116 -4.70 4.63 3.87
C VAL A 116 -5.85 3.68 3.52
N ASP A 117 -5.88 3.20 2.28
CA ASP A 117 -6.96 2.32 1.84
C ASP A 117 -7.03 1.06 2.70
N ARG A 118 -5.89 0.43 2.96
CA ARG A 118 -5.89 -0.81 3.72
C ARG A 118 -6.24 -0.58 5.19
N TYR A 119 -5.93 0.60 5.73
CA TYR A 119 -6.39 0.92 7.08
C TYR A 119 -7.91 1.05 7.14
N ILE A 120 -8.52 1.57 6.07
CA ILE A 120 -9.96 1.70 6.03
C ILE A 120 -10.62 0.33 5.91
N ALA A 121 -9.98 -0.60 5.20
CA ALA A 121 -10.51 -1.96 5.08
C ALA A 121 -10.57 -2.68 6.42
N ILE A 122 -9.74 -2.27 7.39
CA ILE A 122 -9.75 -2.90 8.70
C ILE A 122 -10.71 -2.18 9.65
N LYS A 123 -10.60 -0.85 9.73
CA LYS A 123 -11.42 -0.10 10.67
C LYS A 123 -12.90 -0.15 10.29
N LYS A 124 -13.21 -0.01 9.01
CA LYS A 124 -14.58 -0.04 8.50
C LYS A 124 -14.71 -1.21 7.53
N PRO A 125 -14.86 -2.43 8.05
CA PRO A 125 -14.91 -3.61 7.16
C PRO A 125 -16.14 -3.67 6.27
N ILE A 126 -17.08 -2.74 6.42
CA ILE A 126 -18.42 -2.93 5.88
C ILE A 126 -18.48 -2.62 4.39
N GLN A 127 -18.08 -1.39 4.02
CA GLN A 127 -18.33 -0.87 2.68
C GLN A 127 -17.83 -1.80 1.58
N ALA A 128 -18.64 -1.97 0.54
CA ALA A 128 -18.34 -2.90 -0.53
C ALA A 128 -19.31 -2.69 -1.68
N ASN A 129 -18.82 -2.95 -2.90
CA ASN A 129 -19.57 -3.11 -4.15
C ASN A 129 -18.60 -3.05 -5.32
N ASN A 132 -19.54 0.26 -6.19
CA ASN A 132 -19.16 1.39 -5.36
C ASN A 132 -17.66 1.38 -5.09
N SER A 133 -17.10 0.19 -4.87
CA SER A 133 -15.66 0.08 -4.69
C SER A 133 -14.92 0.29 -6.01
N ARG A 134 -15.55 -0.06 -7.13
CA ARG A 134 -14.90 0.11 -8.42
C ARG A 134 -14.73 1.59 -8.75
N ALA A 135 -15.73 2.42 -8.42
CA ALA A 135 -15.62 3.85 -8.68
C ALA A 135 -14.69 4.52 -7.69
N THR A 136 -14.73 4.12 -6.42
CA THR A 136 -13.92 4.76 -5.39
C THR A 136 -12.43 4.66 -5.71
N ALA A 137 -12.01 3.57 -6.34
CA ALA A 137 -10.60 3.43 -6.70
C ALA A 137 -10.22 4.42 -7.79
N PHE A 138 -10.98 4.46 -8.88
CA PHE A 138 -10.69 5.38 -9.98
C PHE A 138 -10.64 6.83 -9.49
N ILE A 139 -11.44 7.18 -8.49
CA ILE A 139 -11.37 8.51 -7.91
C ILE A 139 -10.04 8.67 -7.17
N LYS A 140 -9.67 7.69 -6.35
CA LYS A 140 -8.42 7.79 -5.59
C LYS A 140 -7.21 7.71 -6.50
N ILE A 141 -7.28 6.91 -7.57
CA ILE A 141 -6.20 6.87 -8.54
C ILE A 141 -6.00 8.25 -9.16
N THR A 142 -7.08 8.84 -9.66
CA THR A 142 -7.00 10.16 -10.29
C THR A 142 -6.37 11.19 -9.37
N VAL A 143 -6.84 11.25 -8.12
CA VAL A 143 -6.29 12.20 -7.16
C VAL A 143 -4.77 12.02 -7.02
N VAL A 144 -4.32 10.76 -6.95
CA VAL A 144 -2.89 10.49 -6.81
C VAL A 144 -2.12 11.03 -8.01
N TRP A 145 -2.66 10.84 -9.22
CA TRP A 145 -1.97 11.31 -10.41
C TRP A 145 -2.02 12.83 -10.51
N LEU A 146 -3.13 13.45 -10.12
CA LEU A 146 -3.22 14.91 -10.15
C LEU A 146 -2.24 15.54 -9.17
N ILE A 147 -2.05 14.91 -8.01
CA ILE A 147 -1.08 15.41 -7.03
C ILE A 147 0.32 15.36 -7.60
N SER A 148 0.64 14.27 -8.32
CA SER A 148 1.98 14.14 -8.90
C SER A 148 2.20 15.14 -10.01
N ILE A 149 1.15 15.54 -10.73
CA ILE A 149 1.31 16.53 -11.79
C ILE A 149 1.62 17.90 -11.21
N GLY A 150 0.87 18.31 -10.19
CA GLY A 150 1.11 19.60 -9.58
C GLY A 150 2.46 19.72 -8.90
N ILE A 151 3.05 18.58 -8.53
CA ILE A 151 4.38 18.60 -7.93
C ILE A 151 5.45 18.66 -9.02
N ALA A 152 5.22 17.99 -10.15
CA ALA A 152 6.21 17.94 -11.22
C ALA A 152 6.07 19.09 -12.21
N ILE A 153 5.00 19.88 -12.14
CA ILE A 153 4.74 20.94 -13.11
C ILE A 153 5.70 22.13 -13.01
N PRO A 154 6.34 22.42 -11.86
CA PRO A 154 7.31 23.53 -11.85
C PRO A 154 8.51 23.30 -12.75
N VAL A 155 8.81 22.06 -13.13
CA VAL A 155 10.00 21.76 -13.92
C VAL A 155 9.82 22.23 -15.37
N PRO A 156 8.75 21.83 -16.09
CA PRO A 156 8.59 22.35 -17.45
C PRO A 156 8.18 23.81 -17.52
N ILE A 157 7.69 24.38 -16.41
CA ILE A 157 7.30 25.79 -16.42
C ILE A 157 8.52 26.69 -16.31
N LYS A 158 9.36 26.46 -15.30
CA LYS A 158 10.58 27.27 -15.16
C LYS A 158 11.56 26.98 -16.30
N GLY A 159 11.75 25.71 -16.63
CA GLY A 159 12.64 25.32 -17.70
C GLY A 159 14.09 25.27 -17.25
N ILE A 160 14.93 24.71 -18.12
CA ILE A 160 16.37 24.67 -17.91
C ILE A 160 17.00 25.89 -18.58
N GLU A 161 17.85 26.59 -17.85
CA GLU A 161 18.46 27.80 -18.38
C GLU A 161 19.48 27.47 -19.48
N THR A 162 19.64 28.40 -20.41
CA THR A 162 20.57 28.23 -21.51
C THR A 162 22.01 28.22 -21.02
N ASN A 166 24.40 32.28 -24.57
CA ASN A 166 24.92 32.12 -25.91
C ASN A 166 25.06 30.66 -26.38
N PRO A 167 25.74 29.80 -25.62
CA PRO A 167 25.92 28.42 -26.08
C PRO A 167 24.60 27.67 -26.11
N ASN A 168 24.29 27.09 -27.27
CA ASN A 168 23.09 26.26 -27.38
C ASN A 168 23.19 24.97 -26.58
N ASN A 169 24.39 24.61 -26.13
CA ASN A 169 24.56 23.43 -25.28
C ASN A 169 23.97 23.71 -23.90
N ILE A 170 23.05 22.85 -23.47
CA ILE A 170 22.42 22.98 -22.16
C ILE A 170 22.93 21.85 -21.27
N THR A 171 22.94 22.12 -19.97
CA THR A 171 23.29 21.13 -18.97
C THR A 171 22.01 20.73 -18.24
N CYS A 172 21.53 19.52 -18.52
CA CYS A 172 20.18 19.10 -18.12
C CYS A 172 20.22 18.55 -16.70
N VAL A 173 20.07 19.44 -15.72
CA VAL A 173 19.97 19.05 -14.32
C VAL A 173 19.41 20.24 -13.55
N LEU A 174 18.67 19.94 -12.48
CA LEU A 174 18.13 20.99 -11.63
C LEU A 174 19.24 21.58 -10.78
N THR A 175 19.35 22.90 -10.77
CA THR A 175 20.40 23.59 -10.02
C THR A 175 19.85 24.11 -8.69
N LYS A 176 20.78 24.45 -7.79
CA LYS A 176 20.41 25.00 -6.50
C LYS A 176 19.94 26.44 -6.61
N GLU A 177 20.48 27.20 -7.56
CA GLU A 177 20.07 28.59 -7.73
C GLU A 177 18.64 28.69 -8.25
N ARG A 178 18.31 27.87 -9.25
CA ARG A 178 17.03 28.01 -9.93
C ARG A 178 15.90 27.32 -9.16
N PHE A 179 16.10 26.05 -8.77
CA PHE A 179 15.06 25.25 -8.16
C PHE A 179 15.28 25.02 -6.67
N GLY A 180 15.99 25.93 -6.00
CA GLY A 180 16.27 25.74 -4.59
C GLY A 180 15.01 25.60 -3.75
N ASP A 181 14.00 26.42 -4.03
CA ASP A 181 12.73 26.29 -3.33
C ASP A 181 11.98 25.03 -3.76
N PHE A 182 12.05 24.69 -5.05
CA PHE A 182 11.36 23.51 -5.53
C PHE A 182 12.04 22.23 -5.05
N MET A 183 13.36 22.23 -4.97
CA MET A 183 14.07 21.07 -4.43
C MET A 183 13.70 20.83 -2.97
N LEU A 184 13.31 21.87 -2.24
CA LEU A 184 13.00 21.74 -0.82
C LEU A 184 11.52 21.48 -0.59
N PHE A 185 10.67 22.44 -0.96
CA PHE A 185 9.23 22.27 -0.75
C PHE A 185 8.69 21.12 -1.58
N GLY A 186 9.24 20.90 -2.77
CA GLY A 186 8.84 19.74 -3.55
C GLY A 186 9.16 18.43 -2.84
N SER A 187 10.36 18.34 -2.28
CA SER A 187 10.70 17.16 -1.48
C SER A 187 9.75 16.98 -0.31
N LEU A 188 9.36 18.09 0.32
CA LEU A 188 8.42 18.02 1.44
C LEU A 188 7.09 17.45 1.01
N ALA A 189 6.62 17.83 -0.18
CA ALA A 189 5.30 17.40 -0.63
C ALA A 189 5.34 16.04 -1.32
N ALA A 190 6.48 15.67 -1.91
CA ALA A 190 6.57 14.44 -2.68
C ALA A 190 6.94 13.23 -1.82
N PHE A 191 7.70 13.42 -0.74
CA PHE A 191 8.19 12.27 0.00
C PHE A 191 7.84 12.34 1.48
N PHE A 192 8.18 13.44 2.16
CA PHE A 192 7.99 13.51 3.60
C PHE A 192 6.53 13.66 4.00
N THR A 193 5.68 14.21 3.12
CA THR A 193 4.26 14.26 3.43
C THR A 193 3.62 12.87 3.36
N PRO A 194 3.77 12.09 2.28
CA PRO A 194 3.28 10.71 2.33
C PRO A 194 4.00 9.86 3.35
N LEU A 195 5.25 10.19 3.67
CA LEU A 195 5.95 9.50 4.75
C LEU A 195 5.25 9.73 6.08
N ALA A 196 4.96 10.99 6.40
CA ALA A 196 4.29 11.30 7.66
C ALA A 196 2.91 10.67 7.74
N ILE A 197 2.21 10.58 6.60
CA ILE A 197 0.88 9.96 6.59
C ILE A 197 1.00 8.46 6.84
N MET A 198 1.89 7.78 6.11
CA MET A 198 2.04 6.35 6.29
C MET A 198 2.53 6.01 7.70
N ILE A 199 3.21 6.94 8.35
CA ILE A 199 3.57 6.75 9.75
C ILE A 199 2.35 6.87 10.64
N VAL A 200 1.48 7.84 10.36
CA VAL A 200 0.26 8.01 11.15
C VAL A 200 -0.68 6.82 10.94
N THR A 201 -0.91 6.43 9.68
CA THR A 201 -1.74 5.27 9.41
C THR A 201 -1.14 3.99 9.96
N TYR A 202 0.17 3.99 10.25
CA TYR A 202 0.79 2.83 10.88
C TYR A 202 0.25 2.62 12.29
N PHE A 203 0.35 3.64 13.14
CA PHE A 203 -0.14 3.52 14.51
C PHE A 203 -1.66 3.42 14.56
N LEU A 204 -2.36 4.01 13.60
CA LEU A 204 -3.80 3.82 13.52
C LEU A 204 -4.13 2.35 13.27
N THR A 205 -3.32 1.68 12.46
CA THR A 205 -3.54 0.26 12.18
C THR A 205 -3.16 -0.62 13.35
N ILE A 206 -2.10 -0.26 14.09
CA ILE A 206 -1.72 -1.00 15.28
C ILE A 206 -2.83 -0.93 16.32
N HIS A 207 -3.42 0.25 16.51
CA HIS A 207 -4.50 0.42 17.47
C HIS A 207 -5.78 -0.25 16.98
N ALA A 208 -6.08 -0.13 15.68
CA ALA A 208 -7.31 -0.68 15.14
C ALA A 208 -7.37 -2.20 15.28
N LEU A 209 -6.23 -2.88 15.17
CA LEU A 209 -6.22 -4.34 15.24
C LEU A 209 -6.31 -4.83 16.69
N GLN A 210 -5.74 -4.09 17.64
CA GLN A 210 -5.85 -4.48 19.04
C GLN A 210 -7.30 -4.41 19.50
N LYS A 211 -8.00 -3.32 19.19
CA LYS A 211 -9.39 -3.17 19.59
C LYS A 211 -10.27 -4.19 18.87
N LYS A 212 -9.97 -4.47 17.60
CA LYS A 212 -10.70 -5.49 16.86
C LYS A 212 -10.58 -6.86 17.53
N ALA A 213 -9.41 -7.14 18.10
CA ALA A 213 -9.16 -8.39 18.77
C ALA A 213 -9.65 -8.34 20.22
N ALA A 214 -9.72 -7.12 20.77
CA ALA A 214 -10.17 -6.91 22.14
C ALA A 214 -11.70 -7.01 22.20
N ASP A 215 -12.36 -6.39 21.23
CA ASP A 215 -13.81 -6.43 21.16
C ASP A 215 -14.25 -7.89 21.09
N LEU A 216 -13.42 -8.71 20.47
CA LEU A 216 -13.69 -10.13 20.33
C LEU A 216 -13.62 -10.84 21.68
N GLU A 217 -12.55 -10.56 22.44
CA GLU A 217 -12.43 -11.12 23.79
C GLU A 217 -13.59 -10.68 24.67
N ASP A 218 -14.15 -9.49 24.42
CA ASP A 218 -15.28 -9.01 25.22
C ASP A 218 -16.53 -9.83 24.93
N ASN A 219 -16.83 -10.07 23.66
CA ASN A 219 -18.03 -10.83 23.31
C ASN A 219 -17.86 -12.30 23.64
N TRP A 220 -16.66 -12.84 23.43
CA TRP A 220 -16.42 -14.26 23.68
C TRP A 220 -16.77 -14.64 25.11
N GLU A 221 -16.44 -13.78 26.06
CA GLU A 221 -16.71 -14.08 27.46
C GLU A 221 -18.16 -13.76 27.83
N THR A 222 -18.74 -12.71 27.25
CA THR A 222 -20.13 -12.38 27.54
C THR A 222 -21.06 -13.53 27.14
N LEU A 223 -20.71 -14.26 26.08
CA LEU A 223 -21.48 -15.45 25.72
C LEU A 223 -21.15 -16.61 26.66
N ASN A 224 -19.86 -16.91 26.83
CA ASN A 224 -19.46 -18.07 27.63
C ASN A 224 -19.78 -17.90 29.11
N ASP A 225 -20.03 -16.69 29.58
CA ASP A 225 -20.42 -16.49 30.98
C ASP A 225 -21.93 -16.68 31.15
N ASN A 226 -22.73 -16.08 30.28
CA ASN A 226 -24.16 -16.29 30.32
C ASN A 226 -24.57 -17.70 29.90
N LEU A 227 -23.66 -18.47 29.30
CA LEU A 227 -23.95 -19.86 28.96
C LEU A 227 -23.81 -20.76 30.18
N LYS A 228 -22.75 -20.59 30.96
CA LYS A 228 -22.60 -21.38 32.18
C LYS A 228 -23.69 -21.06 33.20
N VAL A 229 -24.24 -19.84 33.15
CA VAL A 229 -25.35 -19.50 34.01
C VAL A 229 -26.56 -20.39 33.70
N ILE A 230 -26.75 -20.72 32.43
CA ILE A 230 -27.94 -21.47 32.03
C ILE A 230 -27.78 -22.96 32.36
N GLU A 231 -26.60 -23.53 32.12
CA GLU A 231 -26.40 -24.94 32.40
C GLU A 231 -26.44 -25.25 33.89
N LYS A 232 -26.14 -24.27 34.74
CA LYS A 232 -26.27 -24.41 36.18
C LYS A 232 -27.61 -23.91 36.71
N ALA A 233 -28.46 -23.37 35.83
CA ALA A 233 -29.74 -22.81 36.27
C ALA A 233 -30.64 -23.90 36.82
N ASP A 234 -31.24 -23.62 37.98
CA ASP A 234 -32.22 -24.52 38.59
C ASP A 234 -33.62 -23.95 38.56
N ASN A 235 -33.86 -22.92 37.74
CA ASN A 235 -35.16 -22.27 37.65
C ASN A 235 -35.27 -21.61 36.28
N ALA A 236 -36.40 -20.93 36.07
CA ALA A 236 -36.64 -20.25 34.80
C ALA A 236 -36.17 -18.80 34.80
N ALA A 237 -36.19 -18.13 35.96
CA ALA A 237 -35.73 -16.75 36.02
C ALA A 237 -34.25 -16.64 35.70
N GLN A 238 -33.45 -17.64 36.11
CA GLN A 238 -32.05 -17.66 35.74
C GLN A 238 -31.88 -17.74 34.22
N VAL A 239 -32.83 -18.35 33.53
CA VAL A 239 -32.76 -18.45 32.08
C VAL A 239 -33.32 -17.20 31.40
N LYS A 240 -34.35 -16.58 31.98
CA LYS A 240 -34.96 -15.41 31.36
C LYS A 240 -33.97 -14.25 31.29
N ASP A 241 -33.45 -13.84 32.44
CA ASP A 241 -32.60 -12.65 32.48
C ASP A 241 -31.25 -12.91 31.82
N ALA A 242 -30.65 -14.08 32.07
CA ALA A 242 -29.35 -14.38 31.50
C ALA A 242 -29.39 -14.58 29.99
N LEU A 243 -30.58 -14.80 29.42
CA LEU A 243 -30.71 -14.90 27.98
C LEU A 243 -30.92 -13.54 27.32
N THR A 244 -31.60 -12.62 28.01
CA THR A 244 -31.76 -11.27 27.49
C THR A 244 -30.42 -10.55 27.41
N LYS A 245 -29.47 -10.91 28.28
CA LYS A 245 -28.13 -10.34 28.21
C LYS A 245 -27.45 -10.71 26.89
N MET A 246 -27.83 -11.84 26.31
CA MET A 246 -27.30 -12.28 25.02
C MET A 246 -28.15 -11.81 23.84
N ARG A 247 -29.33 -11.26 24.10
CA ARG A 247 -30.20 -10.82 23.01
C ARG A 247 -29.72 -9.51 22.40
N ALA A 248 -29.45 -8.52 23.25
CA ALA A 248 -28.94 -7.24 22.78
C ALA A 248 -27.43 -7.25 22.55
N ALA A 249 -26.75 -8.34 22.89
CA ALA A 249 -25.31 -8.46 22.71
C ALA A 249 -24.93 -9.32 21.52
N ALA A 250 -25.82 -9.47 20.54
CA ALA A 250 -25.54 -10.28 19.37
C ALA A 250 -25.21 -9.39 18.17
N LYS A 272 -24.89 -8.01 4.19
CA LYS A 272 -25.18 -9.28 3.52
C LYS A 272 -24.99 -10.45 4.46
N ASP A 273 -23.75 -10.95 4.55
CA ASP A 273 -23.47 -12.07 5.42
C ASP A 273 -23.54 -11.69 6.89
N PHE A 274 -23.30 -10.40 7.21
CA PHE A 274 -23.45 -9.94 8.57
C PHE A 274 -24.91 -9.77 8.95
N ARG A 275 -25.76 -9.41 7.99
CA ARG A 275 -27.20 -9.31 8.26
C ARG A 275 -27.77 -10.67 8.67
N HIS A 276 -27.13 -11.75 8.24
CA HIS A 276 -27.55 -13.11 8.57
C HIS A 276 -26.72 -13.72 9.70
N GLY A 277 -25.49 -13.25 9.90
CA GLY A 277 -24.64 -13.76 10.95
C GLY A 277 -25.27 -13.65 12.32
N PHE A 278 -25.61 -12.43 12.73
CA PHE A 278 -26.29 -12.25 14.02
C PHE A 278 -27.71 -12.79 13.99
N ASP A 279 -28.36 -12.75 12.82
CA ASP A 279 -29.77 -13.15 12.74
C ASP A 279 -29.96 -14.61 13.13
N ILE A 280 -28.96 -15.47 12.88
CA ILE A 280 -29.06 -16.87 13.27
C ILE A 280 -29.23 -16.98 14.79
N LEU A 281 -28.40 -16.28 15.54
CA LEU A 281 -28.39 -16.40 16.99
C LEU A 281 -29.39 -15.46 17.67
N VAL A 282 -29.81 -14.38 17.02
CA VAL A 282 -30.87 -13.55 17.58
C VAL A 282 -32.19 -14.32 17.59
N GLY A 283 -32.42 -15.15 16.58
CA GLY A 283 -33.59 -16.00 16.58
C GLY A 283 -33.47 -17.18 17.51
N GLN A 284 -32.25 -17.70 17.70
CA GLN A 284 -32.03 -18.79 18.63
C GLN A 284 -32.28 -18.34 20.07
N ILE A 285 -31.77 -17.16 20.44
CA ILE A 285 -32.05 -16.62 21.77
C ILE A 285 -33.54 -16.40 21.95
N ASP A 286 -34.23 -15.96 20.89
CA ASP A 286 -35.67 -15.82 20.95
C ASP A 286 -36.36 -17.18 21.02
N ASP A 287 -35.87 -18.16 20.24
CA ASP A 287 -36.43 -19.50 20.30
C ASP A 287 -36.16 -20.16 21.64
N ALA A 288 -35.03 -19.82 22.28
CA ALA A 288 -34.72 -20.39 23.59
C ALA A 288 -35.44 -19.65 24.71
N LEU A 289 -35.69 -18.35 24.56
CA LEU A 289 -36.50 -17.64 25.54
C LEU A 289 -37.98 -18.03 25.42
N LYS A 290 -38.40 -18.43 24.21
CA LYS A 290 -39.74 -18.99 24.04
C LYS A 290 -39.92 -20.22 24.93
N LEU A 291 -38.87 -21.05 25.04
CA LEU A 291 -38.91 -22.16 25.99
C LEU A 291 -38.83 -21.66 27.43
N ALA A 292 -38.16 -20.51 27.65
CA ALA A 292 -38.06 -19.96 29.00
C ALA A 292 -39.35 -19.27 29.43
N ASN A 293 -40.09 -18.69 28.48
CA ASN A 293 -41.40 -18.16 28.80
C ASN A 293 -42.42 -19.27 29.01
N GLU A 294 -42.18 -20.45 28.44
CA GLU A 294 -43.03 -21.60 28.72
C GLU A 294 -42.78 -22.16 30.11
N GLY A 295 -41.52 -22.15 30.55
CA GLY A 295 -41.12 -22.73 31.82
C GLY A 295 -40.28 -23.97 31.71
N LYS A 296 -39.97 -24.42 30.49
CA LYS A 296 -39.19 -25.64 30.30
C LYS A 296 -37.74 -25.39 30.65
N VAL A 297 -37.27 -26.01 31.73
CA VAL A 297 -35.89 -25.82 32.18
C VAL A 297 -34.93 -26.68 31.36
N LYS A 298 -35.15 -28.00 31.35
CA LYS A 298 -34.26 -28.90 30.62
C LYS A 298 -34.33 -28.66 29.12
N GLU A 299 -35.49 -28.25 28.61
CA GLU A 299 -35.62 -27.99 27.18
C GLU A 299 -34.86 -26.75 26.77
N ALA A 300 -34.86 -25.71 27.61
CA ALA A 300 -34.14 -24.48 27.29
C ALA A 300 -32.64 -24.67 27.43
N GLN A 301 -32.20 -25.40 28.46
CA GLN A 301 -30.77 -25.63 28.64
C GLN A 301 -30.19 -26.46 27.50
N ALA A 302 -30.96 -27.41 26.99
CA ALA A 302 -30.50 -28.21 25.84
C ALA A 302 -30.40 -27.35 24.58
N ALA A 303 -31.24 -26.32 24.47
CA ALA A 303 -31.15 -25.43 23.32
C ALA A 303 -29.88 -24.58 23.36
N ALA A 304 -29.42 -24.22 24.55
CA ALA A 304 -28.19 -23.44 24.66
C ALA A 304 -26.96 -24.29 24.42
N GLU A 305 -26.94 -25.51 24.95
CA GLU A 305 -25.78 -26.39 24.77
C GLU A 305 -25.60 -26.82 23.32
N GLN A 306 -26.67 -26.82 22.54
CA GLN A 306 -26.56 -27.05 21.10
C GLN A 306 -26.34 -25.77 20.31
N LEU A 307 -26.45 -24.61 20.97
CA LEU A 307 -26.08 -23.34 20.35
C LEU A 307 -24.57 -23.13 20.34
N LYS A 308 -23.83 -23.88 21.14
CA LYS A 308 -22.37 -23.73 21.18
C LYS A 308 -21.71 -24.20 19.89
N THR A 309 -22.37 -25.07 19.12
CA THR A 309 -21.86 -25.43 17.80
C THR A 309 -22.15 -24.36 16.76
N THR A 310 -22.78 -23.26 17.15
CA THR A 310 -23.03 -22.12 16.26
C THR A 310 -22.06 -20.97 16.52
N ARG A 311 -21.68 -20.72 17.77
CA ARG A 311 -20.71 -19.67 18.05
C ARG A 311 -19.33 -20.04 17.53
N ASN A 312 -18.95 -21.31 17.63
CA ASN A 312 -17.66 -21.76 17.13
C ASN A 312 -17.57 -21.69 15.62
N ALA A 313 -18.71 -21.57 14.93
CA ALA A 313 -18.70 -21.41 13.48
C ALA A 313 -18.44 -19.95 13.07
N TYR A 314 -18.87 -19.00 13.88
CA TYR A 314 -18.65 -17.58 13.60
C TYR A 314 -17.40 -17.02 14.27
N ILE A 315 -17.03 -17.54 15.44
CA ILE A 315 -15.83 -17.06 16.11
C ILE A 315 -14.57 -17.57 15.41
N GLN A 316 -14.59 -18.84 14.99
CA GLN A 316 -13.47 -19.38 14.22
C GLN A 316 -13.30 -18.63 12.90
N LYS A 317 -14.41 -18.22 12.28
CA LYS A 317 -14.32 -17.48 11.03
C LYS A 317 -13.72 -16.09 11.24
N TYR A 318 -14.16 -15.42 12.30
CA TYR A 318 -13.70 -14.07 12.60
C TYR A 318 -12.39 -14.09 13.37
N LEU A 319 -12.08 -15.19 14.03
CA LEU A 319 -10.70 -15.30 14.51
C LEU A 319 -9.69 -15.29 13.36
N GLN A 320 -9.97 -16.00 12.26
CA GLN A 320 -9.12 -15.96 11.06
C GLN A 320 -9.03 -14.63 10.31
N THR A 321 -10.19 -13.99 10.12
CA THR A 321 -10.32 -12.67 9.57
C THR A 321 -9.42 -11.68 10.28
N ILE A 322 -9.15 -11.93 11.56
CA ILE A 322 -8.28 -11.07 12.31
C ILE A 322 -6.87 -11.58 12.34
N SER A 323 -6.67 -12.87 12.17
CA SER A 323 -5.33 -13.41 11.99
C SER A 323 -4.77 -13.06 10.61
N ASN A 324 -5.61 -13.13 9.58
CA ASN A 324 -5.16 -12.78 8.24
C ASN A 324 -5.06 -11.27 8.07
N GLU A 325 -5.98 -10.52 8.69
CA GLU A 325 -5.89 -9.06 8.65
C GLU A 325 -4.62 -8.56 9.31
N GLN A 326 -4.08 -9.32 10.28
CA GLN A 326 -2.85 -8.95 10.95
C GLN A 326 -1.61 -9.44 10.21
N ARG A 327 -1.74 -10.54 9.46
CA ARG A 327 -0.59 -11.07 8.72
C ARG A 327 -0.32 -10.23 7.46
N ALA A 328 -1.36 -9.73 6.81
CA ALA A 328 -1.17 -8.88 5.63
C ALA A 328 -0.69 -7.49 6.00
N SER A 329 -0.98 -7.03 7.22
CA SER A 329 -0.53 -5.71 7.64
C SER A 329 0.97 -5.71 7.92
N LYS A 330 1.49 -6.79 8.47
CA LYS A 330 2.92 -6.87 8.75
C LYS A 330 3.72 -6.99 7.46
N VAL A 331 3.15 -7.62 6.43
CA VAL A 331 3.85 -7.70 5.14
C VAL A 331 3.87 -6.35 4.45
N LEU A 332 2.71 -5.69 4.38
CA LEU A 332 2.65 -4.35 3.81
C LEU A 332 3.49 -3.36 4.61
N GLY A 333 3.61 -3.57 5.92
CA GLY A 333 4.42 -2.68 6.73
C GLY A 333 5.90 -2.74 6.38
N ILE A 334 6.46 -3.96 6.33
CA ILE A 334 7.88 -4.10 6.07
C ILE A 334 8.20 -3.73 4.64
N VAL A 335 7.37 -4.15 3.68
CA VAL A 335 7.65 -3.86 2.28
C VAL A 335 7.59 -2.36 2.01
N PHE A 336 6.57 -1.67 2.55
CA PHE A 336 6.48 -0.24 2.35
C PHE A 336 7.57 0.51 3.09
N PHE A 337 8.04 -0.03 4.21
CA PHE A 337 9.12 0.61 4.95
C PHE A 337 10.42 0.59 4.16
N LEU A 338 10.80 -0.57 3.64
CA LEU A 338 12.02 -0.68 2.86
C LEU A 338 11.96 0.20 1.62
N PHE A 339 10.79 0.34 1.01
CA PHE A 339 10.61 1.30 -0.07
C PHE A 339 10.98 2.70 0.40
N LEU A 340 10.25 3.21 1.39
CA LEU A 340 10.48 4.56 1.90
C LEU A 340 11.91 4.73 2.38
N LEU A 341 12.52 3.68 2.90
CA LEU A 341 13.88 3.79 3.41
C LEU A 341 14.89 3.99 2.30
N MET A 342 14.66 3.35 1.14
CA MET A 342 15.59 3.48 0.02
C MET A 342 15.46 4.81 -0.72
N TRP A 343 14.43 5.61 -0.43
CA TRP A 343 14.33 6.96 -0.93
C TRP A 343 14.81 8.00 0.07
N CYS A 344 15.03 7.62 1.32
CA CYS A 344 15.56 8.56 2.31
C CYS A 344 16.93 9.12 1.93
N PRO A 345 17.88 8.36 1.37
CA PRO A 345 19.17 8.97 1.00
C PRO A 345 19.03 10.12 0.02
N PHE A 346 18.14 9.99 -0.98
CA PHE A 346 18.03 11.05 -1.99
C PHE A 346 17.40 12.31 -1.42
N PHE A 347 16.23 12.17 -0.79
CA PHE A 347 15.48 13.36 -0.37
C PHE A 347 16.10 14.03 0.84
N ILE A 348 16.92 13.31 1.62
CA ILE A 348 17.67 13.99 2.67
C ILE A 348 18.84 14.76 2.08
N THR A 349 19.52 14.16 1.08
CA THR A 349 20.58 14.88 0.39
C THR A 349 20.00 15.99 -0.48
N ASN A 350 18.84 15.76 -1.10
CA ASN A 350 18.20 16.78 -1.92
C ASN A 350 17.85 18.03 -1.10
N ILE A 351 17.52 17.84 0.17
CA ILE A 351 17.23 18.97 1.04
C ILE A 351 18.52 19.55 1.62
N THR A 352 19.47 18.68 1.97
CA THR A 352 20.74 19.15 2.50
C THR A 352 21.49 20.01 1.48
N LEU A 353 21.42 19.62 0.20
CA LEU A 353 22.06 20.41 -0.85
C LEU A 353 21.44 21.79 -0.97
N VAL A 354 20.25 22.00 -0.42
CA VAL A 354 19.62 23.32 -0.40
C VAL A 354 19.97 24.07 0.88
N LEU A 355 19.91 23.40 2.03
CA LEU A 355 20.07 24.09 3.31
C LEU A 355 21.54 24.28 3.68
N CYS A 356 22.35 23.24 3.55
CA CYS A 356 23.76 23.32 3.95
C CYS A 356 24.50 24.22 2.98
N ASP A 357 24.93 25.39 3.47
CA ASP A 357 25.70 26.32 2.67
C ASP A 357 27.19 26.04 2.71
N SER A 358 27.66 25.19 3.63
CA SER A 358 29.08 24.92 3.80
C SER A 358 29.48 23.55 3.26
N CYS A 359 28.54 22.76 2.76
CA CYS A 359 28.84 21.43 2.24
C CYS A 359 29.42 21.53 0.83
N ASN A 360 30.23 20.54 0.48
CA ASN A 360 30.86 20.51 -0.84
C ASN A 360 29.82 20.16 -1.90
N GLN A 361 29.57 21.11 -2.80
CA GLN A 361 28.59 20.90 -3.86
C GLN A 361 29.02 19.81 -4.83
N THR A 362 30.33 19.71 -5.11
CA THR A 362 30.81 18.68 -6.01
C THR A 362 30.58 17.29 -5.44
N THR A 363 30.89 17.10 -4.16
CA THR A 363 30.71 15.81 -3.51
C THR A 363 29.25 15.52 -3.15
N LEU A 364 28.37 16.52 -3.21
CA LEU A 364 26.96 16.28 -2.90
C LEU A 364 26.15 15.91 -4.13
N GLN A 365 26.44 16.53 -5.28
CA GLN A 365 25.77 16.14 -6.51
C GLN A 365 26.27 14.78 -7.01
N MET A 366 27.49 14.41 -6.65
CA MET A 366 27.97 13.05 -6.92
C MET A 366 27.14 12.02 -6.16
N LEU A 367 26.60 12.41 -5.00
CA LEU A 367 25.74 11.51 -4.25
C LEU A 367 24.35 11.41 -4.87
N LEU A 368 23.79 12.55 -5.28
CA LEU A 368 22.49 12.54 -5.96
C LEU A 368 22.55 11.70 -7.22
N GLU A 369 23.66 11.78 -7.96
CA GLU A 369 23.85 10.95 -9.15
C GLU A 369 23.73 9.47 -8.82
N ILE A 370 24.10 9.08 -7.60
CA ILE A 370 24.05 7.69 -7.18
C ILE A 370 22.76 7.40 -6.40
N PHE A 371 22.39 8.29 -5.48
CA PHE A 371 21.22 8.05 -4.64
C PHE A 371 19.94 7.94 -5.45
N VAL A 372 19.86 8.64 -6.57
CA VAL A 372 18.67 8.55 -7.42
C VAL A 372 18.47 7.11 -7.89
N TRP A 373 19.54 6.44 -8.28
CA TRP A 373 19.43 5.06 -8.75
C TRP A 373 19.01 4.10 -7.65
N ILE A 374 19.26 4.44 -6.37
CA ILE A 374 18.76 3.60 -5.28
C ILE A 374 17.25 3.69 -5.19
N GLY A 375 16.69 4.90 -5.33
CA GLY A 375 15.25 5.04 -5.38
C GLY A 375 14.65 4.48 -6.66
N TYR A 376 15.38 4.57 -7.77
CA TYR A 376 14.97 3.92 -9.00
C TYR A 376 14.78 2.42 -8.79
N VAL A 377 15.69 1.79 -8.06
CA VAL A 377 15.52 0.38 -7.70
C VAL A 377 14.31 0.20 -6.80
N SER A 378 14.17 1.08 -5.80
CA SER A 378 13.06 0.97 -4.86
C SER A 378 11.72 1.00 -5.59
N SER A 379 11.50 2.01 -6.42
CA SER A 379 10.25 2.10 -7.15
C SER A 379 10.13 1.01 -8.22
N GLY A 380 11.26 0.56 -8.78
CA GLY A 380 11.19 -0.35 -9.91
C GLY A 380 10.67 -1.73 -9.55
N VAL A 381 11.04 -2.23 -8.37
CA VAL A 381 10.66 -3.58 -7.95
C VAL A 381 9.63 -3.56 -6.83
N ASN A 382 9.27 -2.39 -6.31
CA ASN A 382 8.29 -2.36 -5.22
C ASN A 382 6.98 -3.05 -5.56
N PRO A 383 6.37 -2.84 -6.75
CA PRO A 383 5.14 -3.59 -7.04
C PRO A 383 5.35 -5.09 -7.09
N LEU A 384 6.45 -5.54 -7.71
CA LEU A 384 6.69 -6.98 -7.82
C LEU A 384 6.88 -7.62 -6.45
N VAL A 385 7.62 -6.97 -5.56
CA VAL A 385 7.89 -7.55 -4.25
C VAL A 385 6.59 -7.67 -3.45
N TYR A 386 5.78 -6.61 -3.44
CA TYR A 386 4.54 -6.62 -2.69
C TYR A 386 3.59 -7.71 -3.19
N THR A 387 3.61 -8.00 -4.50
CA THR A 387 2.74 -9.00 -5.07
C THR A 387 3.30 -10.42 -4.97
N LEU A 388 4.57 -10.58 -4.57
CA LEU A 388 5.12 -11.92 -4.38
C LEU A 388 4.56 -12.60 -3.14
N PHE A 389 3.93 -11.85 -2.24
CA PHE A 389 3.32 -12.40 -1.04
C PHE A 389 1.85 -12.77 -1.27
N ASN A 390 1.35 -12.63 -2.49
CA ASN A 390 0.01 -13.04 -2.87
C ASN A 390 0.12 -14.34 -3.66
N LYS A 391 -0.50 -15.41 -3.16
CA LYS A 391 -0.37 -16.71 -3.80
C LYS A 391 -0.94 -16.69 -5.21
N THR A 392 -2.08 -16.03 -5.41
CA THR A 392 -2.68 -15.93 -6.74
C THR A 392 -1.77 -15.17 -7.70
N PHE A 393 -1.18 -14.08 -7.22
CA PHE A 393 -0.20 -13.34 -8.03
C PHE A 393 1.03 -14.18 -8.31
N ARG A 394 1.59 -14.81 -7.27
CA ARG A 394 2.78 -15.63 -7.43
C ARG A 394 2.52 -16.81 -8.36
N ASP A 395 1.31 -17.38 -8.30
CA ASP A 395 0.96 -18.44 -9.24
C ASP A 395 0.88 -17.89 -10.66
N ALA A 396 0.31 -16.70 -10.83
CA ALA A 396 0.22 -16.10 -12.17
C ALA A 396 1.61 -15.82 -12.73
N PHE A 397 2.52 -15.32 -11.89
CA PHE A 397 3.88 -15.02 -12.35
C PHE A 397 4.58 -16.28 -12.84
N GLY A 398 4.56 -17.34 -12.03
CA GLY A 398 5.22 -18.58 -12.42
C GLY A 398 4.65 -19.18 -13.70
N ARG A 399 3.39 -18.86 -14.02
CA ARG A 399 2.81 -19.29 -15.29
C ARG A 399 3.28 -18.42 -16.44
N TYR A 400 3.47 -17.12 -16.19
CA TYR A 400 3.81 -16.20 -17.27
C TYR A 400 5.30 -16.25 -17.63
N ILE A 401 6.17 -16.56 -16.65
CA ILE A 401 7.60 -16.61 -16.93
C ILE A 401 7.95 -17.77 -17.87
N THR A 402 7.07 -18.77 -17.98
CA THR A 402 7.26 -19.87 -18.90
C THR A 402 6.32 -19.79 -20.09
N CYS A 403 5.71 -18.63 -20.32
CA CYS A 403 4.85 -18.37 -21.47
C CYS A 403 3.68 -19.36 -21.52
N ASN A 404 2.79 -19.22 -20.54
CA ASN A 404 1.55 -19.98 -20.49
C ASN A 404 0.35 -19.09 -20.80
N TYR A 405 0.12 -18.07 -19.97
CA TYR A 405 -0.97 -17.11 -20.13
C TYR A 405 -2.35 -17.74 -20.08
N ARG A 406 -2.43 -19.00 -19.64
CA ARG A 406 -3.69 -19.73 -19.52
C ARG A 406 -4.46 -19.75 -20.84
C1 CLR B . 7.37 -10.22 -20.67
C2 CLR B . 6.23 -11.15 -20.26
C3 CLR B . 6.67 -12.60 -20.35
C4 CLR B . 7.77 -12.83 -19.32
C5 CLR B . 8.88 -11.82 -19.47
C6 CLR B . 10.14 -12.26 -19.28
C7 CLR B . 11.36 -11.57 -19.84
C8 CLR B . 11.13 -10.07 -19.91
C9 CLR B . 9.78 -9.75 -20.55
C10 CLR B . 8.61 -10.36 -19.78
C11 CLR B . 9.58 -8.24 -20.73
C12 CLR B . 10.75 -7.58 -21.48
C13 CLR B . 12.07 -7.90 -20.80
C14 CLR B . 12.20 -9.42 -20.77
C15 CLR B . 13.65 -9.68 -20.41
C16 CLR B . 14.39 -8.54 -21.12
C17 CLR B . 13.33 -7.53 -21.59
C18 CLR B . 12.13 -7.30 -19.41
C19 CLR B . 8.40 -9.63 -18.46
C20 CLR B . 13.87 -6.10 -21.44
C21 CLR B . 12.97 -5.03 -22.04
C22 CLR B . 15.24 -6.03 -22.09
C23 CLR B . 16.07 -4.90 -21.53
C24 CLR B . 16.52 -3.96 -22.65
C25 CLR B . 17.59 -3.01 -22.15
C26 CLR B . 18.96 -3.45 -22.65
C27 CLR B . 17.29 -1.58 -22.55
O1 CLR B . 5.56 -13.45 -20.05
C10 OLC C . 10.11 6.56 12.23
C9 OLC C . 8.94 5.98 12.49
C11 OLC C . 10.97 6.03 11.11
C8 OLC C . 8.51 4.81 11.63
C24 OLC C . -1.44 0.44 6.63
C12 OLC C . 10.97 7.03 9.94
C7 OLC C . 7.40 4.00 12.29
C6 OLC C . 6.90 2.95 11.30
C5 OLC C . 6.60 3.58 9.95
C4 OLC C . 6.33 2.54 8.87
C3 OLC C . 4.97 2.76 8.21
C2 OLC C . 4.70 1.72 7.12
C21 OLC C . 0.85 1.43 6.69
C1 OLC C . 3.30 1.90 6.57
C22 OLC C . -0.12 0.49 7.40
O19 OLC C . 3.13 2.49 5.52
O25 OLC C . -2.27 -0.59 7.17
O23 OLC C . 0.45 -0.83 7.46
O20 OLC C . 2.15 1.36 7.28
C1 PEG D . -0.11 -9.48 1.33
O1 PEG D . -0.48 -10.80 1.80
C2 PEG D . 0.20 -9.30 -0.18
O2 PEG D . -0.46 -8.41 -0.83
C3 PEG D . -0.42 -8.41 -2.28
C4 PEG D . -1.63 -7.83 -3.03
O4 PEG D . -2.80 -8.53 -2.95
CAA H8M E . 21.18 11.16 -13.86
CAB H8M E . 22.11 13.72 -11.23
CAC H8M E . 10.21 16.94 -5.71
CAE H8M E . 17.42 12.33 -12.24
CAF H8M E . 18.51 11.55 -12.68
CAG H8M E . 12.44 17.73 -6.67
CAH H8M E . 13.65 17.43 -7.39
CAI H8M E . 11.76 15.36 -6.94
CAJ H8M E . 14.33 11.55 -8.87
CAK H8M E . 13.15 12.45 -8.45
CAL H8M E . 16.38 14.14 -10.76
CAQ H8M E . 11.48 16.67 -6.45
CAR H8M E . 17.59 13.28 -11.24
CAS H8M E . 18.86 13.45 -10.64
CAT H8M E . 19.77 11.72 -12.10
CAU H8M E . 13.58 13.85 -8.30
CAV H8M E . 19.95 12.68 -11.08
CAW H8M E . 14.82 14.31 -8.84
CAX H8M E . 13.87 16.16 -7.84
CAY H8M E . 12.94 15.13 -7.63
CAZ H8M E . 15.76 13.44 -9.56
NAM H8M E . 15.09 12.21 -9.99
NAN H8M E . 14.84 15.58 -8.52
OAO H8M E . 20.84 10.95 -12.52
OAP H8M E . 21.23 12.84 -10.49
CLAD H8M E . 19.09 14.63 -9.40
#